data_1SJ7
#
_entry.id   1SJ7
#
_cell.length_a   95.662
_cell.length_b   95.662
_cell.length_c   115.215
_cell.angle_alpha   90.00
_cell.angle_beta   90.00
_cell.angle_gamma   120.00
#
_symmetry.space_group_name_H-M   'P 32 2 1'
#
loop_
_entity.id
_entity.type
_entity.pdbx_description
1 polymer 'Talin 1'
2 non-polymer 'PLATINUM (II) ION'
3 water water
#
_entity_poly.entity_id   1
_entity_poly.type   'polypeptide(L)'
_entity_poly.pdbx_seq_one_letter_code
;RGHMPPLTSAQQALTGTINSSMQAVQAAQATLDDFETLPPLGQDAASKAWRKNKMDESKHEIHSQVDAITAGTASVVNLT
AGDPAETDYTAVGCAVTTISSNLTEMSRGVKLLAALLEDEGGNGRPLLQAAKGLAGAVSELLRSAQPASAEPRQNLLQAA
GNVGQASGELLQQI
;
_entity_poly.pdbx_strand_id   A,B,C
#
# COMPACT_ATOMS: atom_id res chain seq x y z
N LEU A 7 27.39 8.38 -26.18
CA LEU A 7 27.36 9.86 -26.29
C LEU A 7 25.98 10.38 -25.98
N THR A 8 25.81 11.22 -24.95
CA THR A 8 24.45 11.60 -24.52
C THR A 8 23.98 13.08 -24.69
N SER A 9 22.71 13.39 -24.39
CA SER A 9 22.13 14.76 -24.46
C SER A 9 21.63 15.12 -23.05
N ALA A 10 20.40 15.60 -22.90
CA ALA A 10 19.68 15.65 -21.59
C ALA A 10 19.21 14.21 -21.21
N GLN A 11 19.94 13.24 -21.74
CA GLN A 11 19.85 11.93 -21.23
C GLN A 11 20.81 12.01 -20.03
N GLN A 12 21.52 13.13 -19.89
CA GLN A 12 22.51 13.22 -18.83
C GLN A 12 21.75 13.61 -17.58
N ALA A 13 20.72 14.42 -17.77
CA ALA A 13 19.79 14.73 -16.70
C ALA A 13 19.19 13.49 -16.14
N LEU A 14 18.89 12.52 -16.97
CA LEU A 14 18.35 11.29 -16.46
C LEU A 14 19.45 10.50 -15.76
N THR A 15 20.64 10.50 -16.32
CA THR A 15 21.67 9.65 -15.71
C THR A 15 21.91 10.00 -14.23
N GLY A 16 21.82 11.32 -13.94
CA GLY A 16 21.97 11.83 -12.63
C GLY A 16 20.86 11.36 -11.72
N THR A 17 19.60 11.55 -12.11
CA THR A 17 18.53 11.02 -11.32
C THR A 17 18.80 9.57 -11.07
N ILE A 18 19.23 8.82 -12.07
CA ILE A 18 19.37 7.37 -11.82
C ILE A 18 20.47 7.14 -10.78
N ASN A 19 21.53 7.92 -10.93
CA ASN A 19 22.63 7.91 -9.97
C ASN A 19 22.09 8.29 -8.58
N SER A 20 21.31 9.35 -8.49
CA SER A 20 20.83 9.69 -7.17
C SER A 20 19.94 8.59 -6.58
N SER A 21 19.00 8.05 -7.36
CA SER A 21 18.15 6.94 -6.91
C SER A 21 18.97 5.68 -6.66
N MET A 22 20.02 5.40 -7.39
CA MET A 22 20.82 4.22 -7.07
C MET A 22 21.46 4.37 -5.70
N GLN A 23 21.84 5.57 -5.32
CA GLN A 23 22.45 5.73 -4.03
C GLN A 23 21.44 5.42 -2.90
N ALA A 24 20.30 6.04 -3.06
CA ALA A 24 19.15 5.85 -2.18
C ALA A 24 18.83 4.39 -2.05
N VAL A 25 18.84 3.65 -3.16
CA VAL A 25 18.57 2.18 -3.10
C VAL A 25 19.60 1.39 -2.43
N GLN A 26 20.85 1.63 -2.78
CA GLN A 26 21.92 0.96 -2.05
C GLN A 26 21.82 1.34 -0.55
N ALA A 27 21.43 2.55 -0.19
CA ALA A 27 21.37 2.78 1.24
C ALA A 27 20.26 1.93 1.85
N ALA A 28 19.08 2.04 1.26
CA ALA A 28 17.98 1.28 1.81
C ALA A 28 18.45 -0.13 1.82
N GLN A 29 19.12 -0.55 0.79
CA GLN A 29 19.49 -1.94 0.78
C GLN A 29 20.39 -2.25 2.04
N ALA A 30 21.19 -1.32 2.49
CA ALA A 30 22.06 -1.66 3.64
C ALA A 30 21.33 -1.74 4.99
N THR A 31 20.34 -0.88 5.14
CA THR A 31 19.46 -0.78 6.30
C THR A 31 18.67 -2.09 6.56
N LEU A 32 18.67 -3.01 5.58
CA LEU A 32 17.82 -4.19 5.68
C LEU A 32 18.46 -5.42 6.26
N ASP A 33 19.68 -5.24 6.77
CA ASP A 33 20.42 -6.28 7.52
C ASP A 33 19.90 -6.48 8.98
N ASP A 34 19.08 -5.55 9.52
CA ASP A 34 18.65 -5.54 10.94
C ASP A 34 17.25 -4.83 11.29
N PHE A 35 16.65 -5.20 12.43
CA PHE A 35 15.37 -4.69 12.87
C PHE A 35 15.63 -3.30 13.47
N GLU A 36 14.54 -2.51 13.72
CA GLU A 36 14.56 -1.20 14.43
C GLU A 36 14.71 -1.66 15.83
N THR A 37 15.23 -0.83 16.69
CA THR A 37 15.22 -1.30 18.03
C THR A 37 13.83 -0.92 18.51
N LEU A 38 13.12 -1.80 19.17
CA LEU A 38 11.76 -1.47 19.58
C LEU A 38 11.86 -0.63 20.78
N PRO A 39 10.79 -0.02 21.18
CA PRO A 39 10.76 0.66 22.48
C PRO A 39 10.68 -0.45 23.55
N PRO A 40 10.77 -0.05 24.81
CA PRO A 40 10.72 -0.98 25.91
C PRO A 40 9.31 -1.43 25.98
N LEU A 41 9.04 -2.68 25.62
CA LEU A 41 7.68 -3.15 25.73
C LEU A 41 7.89 -4.26 26.69
N GLY A 42 6.80 -4.94 27.01
CA GLY A 42 6.84 -6.07 27.92
C GLY A 42 5.59 -6.85 27.64
N GLN A 43 4.85 -7.26 28.66
CA GLN A 43 3.61 -7.98 28.43
C GLN A 43 2.42 -7.14 28.84
N ASP A 44 2.72 -5.92 29.28
CA ASP A 44 1.73 -4.89 29.59
C ASP A 44 0.64 -5.03 28.54
N ALA A 45 -0.63 -4.88 28.91
CA ALA A 45 -1.71 -4.91 27.92
C ALA A 45 -1.42 -3.90 26.81
N ALA A 46 -1.29 -2.63 27.21
CA ALA A 46 -0.85 -1.55 26.33
C ALA A 46 0.24 -2.00 25.41
N SER A 47 1.35 -2.37 25.99
CA SER A 47 2.37 -2.94 25.16
C SER A 47 1.61 -3.74 24.12
N LYS A 48 0.68 -4.60 24.50
CA LYS A 48 0.11 -5.45 23.44
C LYS A 48 -0.66 -4.74 22.31
N ALA A 49 -1.37 -3.69 22.65
CA ALA A 49 -2.09 -2.94 21.65
C ALA A 49 -1.10 -2.22 20.75
N TRP A 50 -0.02 -1.69 21.34
CA TRP A 50 1.01 -1.04 20.57
C TRP A 50 1.63 -2.04 19.60
N ARG A 51 2.13 -3.17 20.06
CA ARG A 51 2.68 -4.06 19.06
C ARG A 51 1.67 -4.26 17.95
N LYS A 52 0.46 -4.68 18.24
CA LYS A 52 -0.59 -4.93 17.26
C LYS A 52 -0.94 -3.77 16.28
N ASN A 53 -1.19 -2.59 16.82
CA ASN A 53 -1.56 -1.48 16.00
C ASN A 53 -0.48 -1.21 14.99
N LYS A 54 0.77 -1.36 15.39
CA LYS A 54 1.93 -1.04 14.52
C LYS A 54 2.08 -2.08 13.43
N MET A 55 1.75 -3.33 13.71
CA MET A 55 1.94 -4.39 12.73
C MET A 55 0.96 -4.21 11.59
N ASP A 56 -0.25 -3.80 11.93
CA ASP A 56 -1.27 -3.53 10.90
C ASP A 56 -0.89 -2.41 9.95
N GLU A 57 -0.54 -1.30 10.53
CA GLU A 57 -0.28 -0.15 9.74
C GLU A 57 0.87 -0.44 8.84
N SER A 58 1.82 -1.19 9.41
CA SER A 58 3.02 -1.53 8.71
C SER A 58 2.79 -2.49 7.59
N LYS A 59 1.91 -3.45 7.77
CA LYS A 59 1.55 -4.36 6.67
C LYS A 59 0.87 -3.59 5.50
N HIS A 60 0.04 -2.63 5.86
CA HIS A 60 -0.75 -1.83 4.92
C HIS A 60 0.20 -0.91 4.13
N GLU A 61 0.91 -0.08 4.87
CA GLU A 61 1.90 0.86 4.33
C GLU A 61 2.87 0.15 3.37
N ILE A 62 3.39 -1.02 3.76
CA ILE A 62 4.21 -1.78 2.87
C ILE A 62 3.56 -2.17 1.53
N HIS A 63 2.28 -2.55 1.51
CA HIS A 63 1.55 -3.07 0.30
C HIS A 63 1.43 -1.82 -0.53
N SER A 64 1.06 -0.75 0.13
CA SER A 64 0.97 0.50 -0.60
C SER A 64 2.28 0.82 -1.36
N GLN A 65 3.46 0.73 -0.69
CA GLN A 65 4.78 1.08 -1.27
C GLN A 65 5.23 0.07 -2.31
N VAL A 66 5.04 -1.21 -2.06
CA VAL A 66 5.35 -2.16 -3.13
C VAL A 66 4.46 -1.82 -4.39
N ASP A 67 3.18 -1.59 -4.15
CA ASP A 67 2.30 -1.27 -5.23
C ASP A 67 2.89 -0.14 -6.02
N ALA A 68 3.23 0.93 -5.35
CA ALA A 68 3.87 2.02 -6.07
C ALA A 68 5.19 1.53 -6.68
N ILE A 69 5.85 0.51 -6.12
CA ILE A 69 7.02 0.06 -6.82
C ILE A 69 6.68 -0.61 -8.12
N THR A 70 5.85 -1.64 -8.12
CA THR A 70 5.48 -2.27 -9.41
C THR A 70 4.89 -1.32 -10.48
N ALA A 71 4.23 -0.27 -10.08
CA ALA A 71 3.69 0.61 -11.05
C ALA A 71 4.75 1.55 -11.60
N GLY A 72 5.77 1.87 -10.79
CA GLY A 72 6.75 2.76 -11.31
C GLY A 72 7.56 2.01 -12.35
N THR A 73 7.82 0.76 -12.05
CA THR A 73 8.56 -0.12 -12.86
C THR A 73 7.80 -0.21 -14.15
N ALA A 74 6.47 -0.39 -14.07
CA ALA A 74 5.68 -0.49 -15.31
C ALA A 74 5.75 0.78 -16.14
N SER A 75 5.82 1.93 -15.49
CA SER A 75 5.98 3.19 -16.16
C SER A 75 7.36 3.31 -16.78
N VAL A 76 8.39 2.78 -16.11
CA VAL A 76 9.71 2.84 -16.65
C VAL A 76 9.72 2.04 -17.95
N VAL A 77 9.22 0.82 -17.91
CA VAL A 77 9.17 0.00 -19.10
C VAL A 77 8.39 0.70 -20.23
N ASN A 78 7.22 1.31 -19.93
CA ASN A 78 6.42 1.88 -21.03
C ASN A 78 6.98 3.14 -21.55
N LEU A 79 7.64 3.87 -20.66
CA LEU A 79 8.12 5.16 -21.06
C LEU A 79 9.49 4.92 -21.78
N THR A 80 10.13 3.81 -21.51
CA THR A 80 11.43 3.71 -22.10
C THR A 80 11.45 2.88 -23.41
N ALA A 81 10.27 2.48 -23.84
CA ALA A 81 10.09 1.71 -25.06
C ALA A 81 9.77 2.55 -26.22
N GLY A 82 10.17 2.09 -27.39
CA GLY A 82 9.76 2.75 -28.61
C GLY A 82 10.84 3.50 -29.36
N ASP A 83 12.10 3.07 -29.26
CA ASP A 83 13.19 3.79 -29.96
C ASP A 83 13.41 5.06 -29.23
N PRO A 84 14.61 5.21 -28.72
CA PRO A 84 15.01 6.39 -27.98
C PRO A 84 14.68 7.57 -28.82
N ALA A 85 15.57 8.55 -28.89
CA ALA A 85 15.38 9.68 -29.80
C ALA A 85 13.93 10.15 -29.88
N GLU A 86 13.14 9.71 -28.92
CA GLU A 86 11.71 10.06 -28.77
C GLU A 86 11.30 9.92 -27.32
N THR A 87 12.07 9.16 -26.58
CA THR A 87 11.78 8.95 -25.20
C THR A 87 11.59 10.23 -24.45
N ASP A 88 10.61 10.28 -23.54
CA ASP A 88 10.58 11.39 -22.59
C ASP A 88 11.47 11.01 -21.40
N TYR A 89 12.71 11.41 -21.45
CA TYR A 89 13.66 11.26 -20.40
C TYR A 89 13.22 11.93 -19.08
N THR A 90 12.57 13.08 -19.12
CA THR A 90 12.23 13.60 -17.82
C THR A 90 11.15 12.73 -17.20
N ALA A 91 10.13 12.41 -17.97
CA ALA A 91 9.16 11.48 -17.47
C ALA A 91 9.76 10.18 -16.89
N VAL A 92 10.74 9.55 -17.58
CA VAL A 92 11.38 8.34 -17.07
C VAL A 92 11.93 8.62 -15.70
N GLY A 93 12.60 9.76 -15.58
CA GLY A 93 13.16 10.32 -14.36
C GLY A 93 12.21 10.42 -13.21
N CYS A 94 11.04 10.97 -13.46
CA CYS A 94 10.04 11.07 -12.46
C CYS A 94 9.57 9.65 -12.09
N ALA A 95 9.62 8.72 -13.01
CA ALA A 95 9.12 7.47 -12.58
C ALA A 95 10.16 6.79 -11.76
N VAL A 96 11.43 6.90 -12.13
CA VAL A 96 12.35 6.20 -11.26
C VAL A 96 12.47 6.88 -9.84
N THR A 97 12.15 8.15 -9.73
CA THR A 97 12.10 8.84 -8.47
C THR A 97 10.96 8.19 -7.65
N THR A 98 9.75 8.08 -8.22
CA THR A 98 8.70 7.31 -7.58
C THR A 98 9.19 5.95 -7.05
N ILE A 99 9.96 5.17 -7.82
CA ILE A 99 10.37 3.86 -7.35
C ILE A 99 11.28 3.94 -6.14
N SER A 100 12.37 4.68 -6.31
CA SER A 100 13.38 4.81 -5.24
C SER A 100 12.79 5.44 -4.01
N SER A 101 11.90 6.42 -4.19
CA SER A 101 11.46 7.16 -3.03
C SER A 101 10.70 6.15 -2.20
N ASN A 102 9.86 5.34 -2.86
CA ASN A 102 9.07 4.33 -2.20
C ASN A 102 9.80 3.18 -1.52
N LEU A 103 10.91 2.80 -2.12
CA LEU A 103 11.77 1.77 -1.63
C LEU A 103 12.40 2.18 -0.27
N THR A 104 12.76 3.46 -0.18
CA THR A 104 13.31 3.95 1.04
C THR A 104 12.23 3.71 2.11
N GLU A 105 11.04 4.25 1.89
CA GLU A 105 10.03 4.11 2.91
C GLU A 105 9.66 2.70 3.18
N MET A 106 9.65 1.85 2.15
CA MET A 106 9.33 0.45 2.34
C MET A 106 10.31 -0.15 3.33
N SER A 107 11.55 0.32 3.36
CA SER A 107 12.57 -0.32 4.18
C SER A 107 12.35 -0.03 5.60
N ARG A 108 11.95 1.20 5.90
CA ARG A 108 11.73 1.53 7.29
C ARG A 108 10.60 0.61 7.76
N GLY A 109 9.46 0.63 7.05
CA GLY A 109 8.33 -0.20 7.37
C GLY A 109 8.68 -1.63 7.67
N VAL A 110 9.41 -2.28 6.76
CA VAL A 110 9.77 -3.68 6.91
C VAL A 110 10.73 -3.94 8.13
N LYS A 111 11.56 -2.95 8.50
CA LYS A 111 12.43 -3.16 9.61
C LYS A 111 11.56 -3.22 10.85
N LEU A 112 10.68 -2.27 10.96
CA LEU A 112 9.78 -2.30 12.08
C LEU A 112 9.00 -3.64 12.06
N LEU A 113 8.37 -3.99 10.95
CA LEU A 113 7.53 -5.21 10.97
C LEU A 113 8.34 -6.48 11.29
N ALA A 114 9.54 -6.56 10.72
CA ALA A 114 10.36 -7.71 10.99
C ALA A 114 10.66 -7.65 12.41
N ALA A 115 10.90 -6.45 12.91
CA ALA A 115 11.18 -6.33 14.33
C ALA A 115 10.00 -7.00 15.10
N LEU A 116 8.77 -6.59 14.78
CA LEU A 116 7.63 -7.09 15.51
C LEU A 116 7.46 -8.58 15.37
N LEU A 117 7.60 -9.14 14.20
CA LEU A 117 7.53 -10.61 14.11
C LEU A 117 8.55 -11.27 15.00
N GLU A 118 9.79 -10.85 14.89
CA GLU A 118 10.90 -11.43 15.59
C GLU A 118 10.66 -11.36 17.08
N ASP A 119 10.32 -10.16 17.54
CA ASP A 119 10.08 -9.93 18.97
C ASP A 119 9.12 -10.93 19.56
N GLU A 120 8.11 -11.31 18.83
CA GLU A 120 7.18 -12.25 19.40
C GLU A 120 7.26 -13.66 18.80
N GLY A 121 8.32 -14.39 19.14
CA GLY A 121 8.56 -15.72 18.63
C GLY A 121 8.65 -15.87 17.11
N GLY A 122 8.11 -14.91 16.37
CA GLY A 122 8.12 -15.04 14.93
C GLY A 122 9.56 -15.00 14.47
N ASN A 123 9.78 -15.05 13.16
CA ASN A 123 11.11 -14.84 12.56
C ASN A 123 11.03 -13.76 11.44
N GLY A 124 11.88 -12.74 11.52
CA GLY A 124 11.83 -11.63 10.61
C GLY A 124 12.90 -11.68 9.55
N ARG A 125 13.88 -12.54 9.74
CA ARG A 125 14.91 -12.61 8.72
C ARG A 125 14.34 -12.72 7.28
N PRO A 126 13.43 -13.66 7.00
CA PRO A 126 12.89 -13.87 5.64
C PRO A 126 12.31 -12.61 5.12
N LEU A 127 11.48 -11.91 5.92
CA LEU A 127 11.01 -10.59 5.59
C LEU A 127 12.18 -9.67 5.19
N LEU A 128 13.12 -9.44 6.08
CA LEU A 128 14.27 -8.67 5.75
C LEU A 128 14.92 -9.16 4.44
N GLN A 129 15.01 -10.48 4.29
CA GLN A 129 15.73 -11.00 3.13
C GLN A 129 14.98 -10.62 1.86
N ALA A 130 13.67 -10.80 1.91
CA ALA A 130 12.85 -10.59 0.76
C ALA A 130 12.81 -9.12 0.49
N ALA A 131 12.76 -8.27 1.52
CA ALA A 131 12.93 -6.83 1.25
C ALA A 131 14.25 -6.54 0.48
N LYS A 132 15.34 -7.21 0.87
CA LYS A 132 16.64 -7.00 0.26
C LYS A 132 16.54 -7.41 -1.16
N GLY A 133 15.95 -8.60 -1.34
CA GLY A 133 15.58 -9.14 -2.63
C GLY A 133 14.93 -8.10 -3.52
N LEU A 134 13.89 -7.40 -3.06
CA LEU A 134 13.20 -6.40 -3.89
C LEU A 134 14.14 -5.23 -4.19
N ALA A 135 14.83 -4.77 -3.15
CA ALA A 135 15.77 -3.69 -3.28
C ALA A 135 16.82 -3.99 -4.30
N GLY A 136 17.32 -5.22 -4.43
CA GLY A 136 18.36 -5.50 -5.41
C GLY A 136 17.86 -5.56 -6.85
N ALA A 137 16.63 -6.05 -6.99
CA ALA A 137 16.04 -6.08 -8.28
C ALA A 137 15.77 -4.63 -8.63
N VAL A 138 15.24 -3.82 -7.75
CA VAL A 138 15.13 -2.41 -8.09
C VAL A 138 16.43 -1.85 -8.69
N SER A 139 17.58 -2.22 -8.12
CA SER A 139 18.87 -1.69 -8.62
C SER A 139 19.21 -2.23 -9.95
N GLU A 140 18.89 -3.49 -10.22
CA GLU A 140 19.16 -4.05 -11.52
C GLU A 140 18.34 -3.30 -12.55
N LEU A 141 17.13 -2.93 -12.16
CA LEU A 141 16.32 -2.16 -13.08
C LEU A 141 16.97 -0.81 -13.32
N LEU A 142 17.31 -0.06 -12.28
CA LEU A 142 17.91 1.25 -12.55
C LEU A 142 19.22 1.08 -13.32
N ARG A 143 19.88 -0.06 -13.22
CA ARG A 143 21.10 -0.18 -13.96
C ARG A 143 20.65 -0.15 -15.42
N SER A 144 19.80 -1.10 -15.82
CA SER A 144 19.33 -1.14 -17.21
C SER A 144 18.64 0.07 -17.74
N ALA A 145 18.06 0.93 -16.90
CA ALA A 145 17.36 2.09 -17.53
C ALA A 145 18.28 3.21 -17.86
N GLN A 146 19.55 3.03 -17.57
CA GLN A 146 20.59 4.06 -17.82
C GLN A 146 20.85 4.37 -19.32
N PRO A 147 20.57 5.60 -19.71
CA PRO A 147 20.72 6.03 -21.10
C PRO A 147 21.99 5.59 -21.73
N ALA A 148 22.99 5.28 -20.94
CA ALA A 148 24.25 4.87 -21.57
C ALA A 148 24.31 3.39 -21.74
N SER A 149 23.25 2.67 -21.47
CA SER A 149 23.40 1.23 -21.59
C SER A 149 23.56 0.80 -23.06
N ALA A 150 24.43 -0.15 -23.32
CA ALA A 150 24.47 -0.65 -24.66
C ALA A 150 23.29 -1.61 -24.86
N GLU A 151 22.11 -1.30 -24.28
CA GLU A 151 20.92 -2.21 -24.26
C GLU A 151 21.55 -3.54 -24.04
N PRO A 152 21.01 -4.59 -24.69
CA PRO A 152 19.78 -4.58 -25.51
C PRO A 152 18.42 -4.71 -24.78
N ARG A 153 17.36 -4.18 -25.38
CA ARG A 153 16.03 -4.09 -24.78
C ARG A 153 15.65 -5.24 -23.88
N GLN A 154 15.92 -6.48 -24.28
CA GLN A 154 15.52 -7.56 -23.43
C GLN A 154 16.05 -7.49 -22.01
N ASN A 155 17.23 -6.90 -21.87
CA ASN A 155 17.86 -6.78 -20.58
C ASN A 155 16.93 -5.97 -19.66
N LEU A 156 16.53 -4.79 -20.11
CA LEU A 156 15.62 -3.99 -19.31
C LEU A 156 14.26 -4.73 -18.95
N LEU A 157 13.67 -5.42 -19.90
CA LEU A 157 12.45 -6.21 -19.65
C LEU A 157 12.63 -7.32 -18.60
N GLN A 158 13.76 -7.98 -18.61
CA GLN A 158 13.94 -9.06 -17.68
C GLN A 158 14.08 -8.38 -16.36
N ALA A 159 14.56 -7.16 -16.37
CA ALA A 159 14.70 -6.49 -15.04
C ALA A 159 13.37 -6.07 -14.47
N ALA A 160 12.59 -5.37 -15.25
CA ALA A 160 11.24 -5.09 -14.86
C ALA A 160 10.56 -6.39 -14.43
N GLY A 161 10.62 -7.45 -15.19
CA GLY A 161 10.07 -8.66 -14.62
C GLY A 161 10.66 -9.20 -13.29
N ASN A 162 11.92 -8.95 -12.98
CA ASN A 162 12.46 -9.37 -11.64
C ASN A 162 11.95 -8.55 -10.45
N VAL A 163 11.81 -7.24 -10.65
CA VAL A 163 11.07 -6.40 -9.68
C VAL A 163 9.77 -7.08 -9.22
N GLY A 164 8.89 -7.32 -10.18
CA GLY A 164 7.63 -7.96 -9.90
C GLY A 164 7.80 -9.25 -9.23
N GLN A 165 8.74 -10.08 -9.64
CA GLN A 165 8.88 -11.36 -8.96
C GLN A 165 9.38 -11.18 -7.49
N ALA A 166 10.35 -10.28 -7.29
CA ALA A 166 10.78 -10.06 -5.92
C ALA A 166 9.62 -9.42 -5.12
N SER A 167 8.96 -8.42 -5.65
CA SER A 167 7.79 -7.91 -4.89
C SER A 167 6.81 -8.94 -4.54
N GLY A 168 6.55 -9.84 -5.49
CA GLY A 168 5.69 -10.93 -5.19
C GLY A 168 6.13 -11.64 -3.91
N GLU A 169 7.34 -12.17 -3.93
CA GLU A 169 7.80 -12.98 -2.84
C GLU A 169 7.82 -12.16 -1.59
N LEU A 170 8.01 -10.86 -1.76
CA LEU A 170 8.06 -9.95 -0.60
C LEU A 170 6.68 -9.93 0.04
N LEU A 171 5.63 -9.95 -0.77
CA LEU A 171 4.28 -9.74 -0.23
C LEU A 171 3.79 -10.96 0.51
N GLN A 172 4.31 -12.12 0.13
CA GLN A 172 3.99 -13.30 0.88
C GLN A 172 4.61 -13.13 2.28
N GLN A 173 4.89 -11.86 2.63
CA GLN A 173 5.63 -11.50 3.82
C GLN A 173 6.91 -12.32 3.90
N MET B 4 -17.80 17.74 -23.31
CA MET B 4 -16.31 17.53 -23.50
C MET B 4 -15.91 16.21 -24.19
N PRO B 5 -14.75 16.22 -24.83
CA PRO B 5 -14.21 15.09 -25.61
C PRO B 5 -13.72 13.88 -24.82
N PRO B 6 -13.70 12.76 -25.53
CA PRO B 6 -13.23 11.52 -24.94
C PRO B 6 -11.86 11.69 -24.40
N LEU B 7 -11.62 10.82 -23.43
CA LEU B 7 -10.43 10.86 -22.67
C LEU B 7 -9.36 9.98 -23.25
N THR B 8 -8.23 10.62 -23.46
CA THR B 8 -6.99 10.03 -23.92
C THR B 8 -6.54 8.87 -23.03
N SER B 9 -5.76 7.96 -23.59
CA SER B 9 -5.30 6.81 -22.79
C SER B 9 -4.56 7.20 -21.51
N ALA B 10 -3.79 8.28 -21.57
CA ALA B 10 -3.00 8.64 -20.43
C ALA B 10 -3.78 9.58 -19.53
N GLN B 11 -4.65 10.39 -20.13
CA GLN B 11 -5.59 11.19 -19.35
C GLN B 11 -6.39 10.30 -18.38
N GLN B 12 -6.98 9.26 -18.94
CA GLN B 12 -7.73 8.23 -18.22
C GLN B 12 -6.90 7.68 -17.05
N ALA B 13 -5.63 7.28 -17.36
CA ALA B 13 -4.71 6.79 -16.27
C ALA B 13 -4.45 7.81 -15.18
N LEU B 14 -4.07 9.02 -15.56
CA LEU B 14 -3.73 10.12 -14.67
C LEU B 14 -4.87 10.31 -13.69
N THR B 15 -6.08 10.44 -14.23
CA THR B 15 -7.33 10.61 -13.46
C THR B 15 -7.46 9.60 -12.34
N GLY B 16 -7.14 8.36 -12.61
CA GLY B 16 -7.21 7.30 -11.62
C GLY B 16 -6.11 7.38 -10.62
N THR B 17 -4.96 7.86 -11.08
CA THR B 17 -3.80 8.02 -10.26
C THR B 17 -4.16 9.13 -9.35
N ILE B 18 -4.68 10.22 -9.88
CA ILE B 18 -5.09 11.31 -8.99
C ILE B 18 -6.20 10.85 -7.99
N ASN B 19 -7.06 9.94 -8.40
CA ASN B 19 -8.08 9.63 -7.49
C ASN B 19 -7.54 8.84 -6.35
N SER B 20 -6.58 7.95 -6.58
CA SER B 20 -6.09 7.26 -5.41
C SER B 20 -5.20 8.16 -4.52
N SER B 21 -4.40 9.09 -5.09
CA SER B 21 -3.62 9.87 -4.14
C SER B 21 -4.66 10.71 -3.39
N MET B 22 -5.70 11.20 -4.05
CA MET B 22 -6.68 12.00 -3.26
C MET B 22 -7.15 11.21 -2.02
N GLN B 23 -7.49 9.95 -2.25
CA GLN B 23 -7.93 9.19 -1.14
C GLN B 23 -6.76 8.99 -0.13
N ALA B 24 -5.54 8.78 -0.58
CA ALA B 24 -4.51 8.75 0.40
C ALA B 24 -4.40 10.14 1.06
N VAL B 25 -4.63 11.23 0.30
CA VAL B 25 -4.51 12.52 0.93
C VAL B 25 -5.61 12.75 1.96
N GLN B 26 -6.87 12.42 1.62
CA GLN B 26 -7.96 12.66 2.57
C GLN B 26 -7.61 11.83 3.76
N ALA B 27 -7.22 10.59 3.52
CA ALA B 27 -6.72 9.76 4.63
C ALA B 27 -5.65 10.48 5.49
N ALA B 28 -4.67 11.12 4.86
CA ALA B 28 -3.68 11.78 5.66
C ALA B 28 -4.25 12.89 6.48
N GLN B 29 -5.24 13.59 5.92
CA GLN B 29 -5.84 14.73 6.59
C GLN B 29 -6.66 14.29 7.78
N ALA B 30 -6.94 13.00 7.87
CA ALA B 30 -7.76 12.54 8.97
C ALA B 30 -6.92 11.98 10.13
N THR B 31 -5.75 11.46 9.82
CA THR B 31 -4.86 10.97 10.87
C THR B 31 -4.29 12.16 11.67
N LEU B 32 -4.19 13.31 11.01
CA LEU B 32 -3.72 14.50 11.66
C LEU B 32 -4.73 14.90 12.73
N ASP B 33 -5.68 14.05 13.02
CA ASP B 33 -6.66 14.46 14.00
C ASP B 33 -6.33 14.17 15.46
N ASP B 34 -5.93 12.90 15.73
CA ASP B 34 -5.60 12.35 17.06
C ASP B 34 -4.31 12.92 17.68
N PHE B 35 -3.20 12.30 17.30
CA PHE B 35 -1.97 12.47 18.07
C PHE B 35 -1.73 11.00 18.31
N GLU B 36 -0.49 10.55 18.12
CA GLU B 36 -0.21 9.14 18.25
C GLU B 36 -0.43 8.61 19.69
N THR B 37 -0.58 7.31 19.84
CA THR B 37 -0.59 6.76 21.18
C THR B 37 0.76 6.05 21.41
N LEU B 38 1.76 6.81 21.86
CA LEU B 38 3.05 6.29 22.23
C LEU B 38 3.04 4.93 22.91
N PRO B 39 4.13 4.21 22.93
CA PRO B 39 4.14 2.95 23.67
C PRO B 39 4.36 3.28 25.13
N PRO B 40 4.30 2.29 26.00
CA PRO B 40 4.46 2.57 27.40
C PRO B 40 5.90 2.98 27.66
N LEU B 41 6.10 4.14 28.28
CA LEU B 41 7.47 4.61 28.54
C LEU B 41 7.60 5.36 29.85
N GLY B 42 8.84 5.53 30.32
CA GLY B 42 9.08 6.35 31.49
C GLY B 42 10.50 6.52 31.97
N GLN B 43 11.11 7.63 31.60
CA GLN B 43 12.46 7.99 32.07
C GLN B 43 13.47 6.90 32.45
N ASP B 44 13.14 5.64 32.17
CA ASP B 44 14.00 4.49 32.50
C ASP B 44 15.16 4.30 31.59
N ALA B 45 15.41 5.23 30.66
CA ALA B 45 16.62 5.18 29.86
C ALA B 45 16.42 4.57 28.51
N ALA B 46 15.94 3.34 28.43
CA ALA B 46 15.69 2.83 27.08
C ALA B 46 14.53 3.70 26.52
N SER B 47 13.59 4.02 27.40
CA SER B 47 12.53 4.95 27.05
C SER B 47 13.14 6.28 26.67
N LYS B 48 14.18 6.73 27.33
CA LYS B 48 14.73 8.00 26.94
C LYS B 48 15.36 8.04 25.55
N ALA B 49 15.96 6.96 25.15
CA ALA B 49 16.69 6.84 23.89
C ALA B 49 15.64 6.75 22.87
N TRP B 50 14.68 5.85 23.05
CA TRP B 50 13.56 5.77 22.10
C TRP B 50 12.94 7.14 21.77
N ARG B 51 12.72 8.00 22.75
CA ARG B 51 12.10 9.28 22.55
C ARG B 51 13.03 10.12 21.75
N LYS B 52 14.33 10.17 22.17
CA LYS B 52 15.29 11.01 21.46
C LYS B 52 15.40 10.50 20.00
N ASN B 53 15.59 9.22 19.83
CA ASN B 53 15.80 8.77 18.50
C ASN B 53 14.53 9.10 17.67
N LYS B 54 13.36 8.85 18.20
CA LYS B 54 12.28 9.06 17.28
C LYS B 54 12.06 10.52 16.93
N MET B 55 12.40 11.43 17.81
CA MET B 55 12.26 12.81 17.44
C MET B 55 13.31 13.10 16.34
N ASP B 56 14.54 12.60 16.46
CA ASP B 56 15.47 12.89 15.41
C ASP B 56 15.03 12.30 14.10
N GLU B 57 14.79 10.99 14.09
CA GLU B 57 14.32 10.32 12.89
C GLU B 57 13.09 10.98 12.26
N SER B 58 12.09 11.36 13.05
CA SER B 58 10.91 12.04 12.46
C SER B 58 11.34 13.37 11.83
N LYS B 59 11.98 14.24 12.62
CA LYS B 59 12.40 15.53 12.03
C LYS B 59 13.09 15.18 10.72
N HIS B 60 14.09 14.34 10.80
CA HIS B 60 14.77 14.04 9.56
C HIS B 60 13.78 13.60 8.45
N GLU B 61 12.93 12.63 8.73
CA GLU B 61 12.18 12.08 7.65
C GLU B 61 11.22 13.12 7.09
N ILE B 62 10.57 13.87 7.96
CA ILE B 62 9.70 14.90 7.49
C ILE B 62 10.37 15.96 6.58
N HIS B 63 11.54 16.46 6.94
CA HIS B 63 12.21 17.39 6.04
C HIS B 63 12.36 16.73 4.71
N SER B 64 12.61 15.46 4.71
CA SER B 64 12.87 14.88 3.46
C SER B 64 11.60 14.78 2.63
N GLN B 65 10.53 14.41 3.31
CA GLN B 65 9.20 14.32 2.69
C GLN B 65 8.71 15.70 2.15
N VAL B 66 9.00 16.78 2.86
CA VAL B 66 8.59 18.10 2.40
C VAL B 66 9.30 18.48 1.13
N ASP B 67 10.57 18.14 1.02
CA ASP B 67 11.32 18.43 -0.21
C ASP B 67 10.83 17.64 -1.40
N ALA B 68 10.58 16.36 -1.19
CA ALA B 68 9.99 15.63 -2.28
C ALA B 68 8.64 16.31 -2.67
N ILE B 69 7.80 16.71 -1.71
CA ILE B 69 6.63 17.53 -2.09
C ILE B 69 6.94 18.87 -2.83
N THR B 70 7.98 19.60 -2.44
CA THR B 70 8.18 20.85 -3.16
C THR B 70 8.78 20.54 -4.50
N ALA B 71 9.51 19.43 -4.64
CA ALA B 71 10.14 19.20 -5.95
C ALA B 71 9.07 18.75 -6.94
N GLY B 72 8.11 17.94 -6.44
CA GLY B 72 7.11 17.35 -7.29
C GLY B 72 6.09 18.41 -7.70
N THR B 73 5.77 19.27 -6.76
CA THR B 73 4.82 20.33 -7.01
C THR B 73 5.41 21.10 -8.14
N ALA B 74 6.68 21.38 -8.11
CA ALA B 74 7.21 22.21 -9.20
C ALA B 74 7.19 21.39 -10.48
N SER B 75 7.34 20.11 -10.33
CA SER B 75 7.33 19.34 -11.53
C SER B 75 5.85 19.22 -11.97
N VAL B 76 4.88 19.28 -11.06
CA VAL B 76 3.49 19.25 -11.54
C VAL B 76 3.30 20.58 -12.28
N VAL B 77 3.71 21.71 -11.72
CA VAL B 77 3.55 22.95 -12.46
C VAL B 77 4.23 23.00 -13.86
N ASN B 78 5.52 22.66 -14.02
CA ASN B 78 6.10 22.71 -15.38
C ASN B 78 5.49 21.63 -16.34
N LEU B 79 5.38 20.43 -15.89
CA LEU B 79 4.88 19.37 -16.77
C LEU B 79 3.42 19.72 -17.16
N THR B 80 2.81 20.55 -16.41
CA THR B 80 1.50 20.83 -16.78
C THR B 80 1.41 22.09 -17.59
N ALA B 81 2.52 22.60 -18.10
CA ALA B 81 2.39 23.85 -18.85
C ALA B 81 1.87 23.63 -20.24
N GLY B 82 1.05 24.57 -20.72
CA GLY B 82 0.54 24.51 -22.08
C GLY B 82 -0.48 23.42 -22.39
N ASP B 83 -0.15 22.58 -23.37
CA ASP B 83 -0.98 21.46 -23.79
C ASP B 83 -0.12 20.21 -23.61
N PRO B 84 -0.21 19.67 -22.42
CA PRO B 84 0.62 18.57 -21.97
C PRO B 84 0.66 17.42 -22.93
N ALA B 85 1.84 16.94 -23.23
CA ALA B 85 1.87 15.73 -24.02
C ALA B 85 1.51 14.49 -23.17
N GLU B 86 0.94 13.52 -23.85
CA GLU B 86 0.65 12.23 -23.30
C GLU B 86 1.75 11.79 -22.32
N THR B 87 2.98 11.87 -22.76
CA THR B 87 4.08 11.52 -21.89
C THR B 87 4.16 12.47 -20.68
N ASP B 88 3.66 13.68 -20.82
CA ASP B 88 3.65 14.60 -19.69
C ASP B 88 2.72 14.09 -18.58
N TYR B 89 1.58 13.58 -18.98
CA TYR B 89 0.60 13.19 -17.95
C TYR B 89 1.05 11.96 -17.10
N THR B 90 1.65 10.98 -17.73
CA THR B 90 2.11 9.91 -16.88
C THR B 90 3.19 10.50 -15.97
N ALA B 91 3.94 11.49 -16.45
CA ALA B 91 4.93 12.13 -15.59
C ALA B 91 4.18 12.92 -14.56
N VAL B 92 3.10 13.63 -14.94
CA VAL B 92 2.32 14.21 -13.82
C VAL B 92 1.81 13.13 -12.79
N GLY B 93 1.61 11.91 -13.26
CA GLY B 93 1.08 10.89 -12.40
C GLY B 93 2.10 10.43 -11.36
N CYS B 94 3.38 10.32 -11.81
CA CYS B 94 4.45 9.82 -10.96
C CYS B 94 4.74 10.92 -9.92
N ALA B 95 4.68 12.18 -10.34
CA ALA B 95 4.89 13.25 -9.39
C ALA B 95 3.73 13.30 -8.38
N VAL B 96 2.48 13.07 -8.81
CA VAL B 96 1.45 13.11 -7.79
C VAL B 96 1.74 11.95 -6.84
N THR B 97 2.09 10.84 -7.41
CA THR B 97 2.30 9.67 -6.54
C THR B 97 3.46 9.89 -5.55
N THR B 98 4.53 10.51 -6.02
CA THR B 98 5.57 10.93 -5.11
C THR B 98 5.04 11.91 -4.09
N ILE B 99 4.18 12.84 -4.48
CA ILE B 99 3.64 13.76 -3.53
C ILE B 99 2.87 13.00 -2.50
N SER B 100 1.77 12.43 -2.92
CA SER B 100 0.86 11.81 -2.01
C SER B 100 1.55 10.75 -1.21
N SER B 101 2.47 10.04 -1.80
CA SER B 101 3.09 8.99 -1.01
C SER B 101 4.15 9.59 -0.05
N ASN B 102 4.56 10.86 -0.22
CA ASN B 102 5.37 11.45 0.85
C ASN B 102 4.50 12.09 1.93
N LEU B 103 3.39 12.71 1.45
CA LEU B 103 2.37 13.34 2.31
C LEU B 103 1.83 12.30 3.38
N THR B 104 1.60 11.09 2.93
CA THR B 104 1.13 10.06 3.81
C THR B 104 2.23 9.90 4.83
N GLU B 105 3.39 9.55 4.34
CA GLU B 105 4.49 9.22 5.26
C GLU B 105 4.84 10.37 6.22
N MET B 106 4.73 11.60 5.74
CA MET B 106 4.90 12.76 6.58
C MET B 106 3.91 12.80 7.76
N SER B 107 2.63 12.52 7.46
CA SER B 107 1.57 12.54 8.48
C SER B 107 1.93 11.65 9.63
N ARG B 108 2.30 10.42 9.27
CA ARG B 108 2.68 9.47 10.25
C ARG B 108 3.79 9.97 11.15
N GLY B 109 4.84 10.45 10.52
CA GLY B 109 5.91 11.04 11.30
C GLY B 109 5.41 12.26 12.07
N VAL B 110 4.56 13.09 11.46
CA VAL B 110 4.10 14.26 12.25
C VAL B 110 3.25 13.91 13.47
N LYS B 111 2.42 12.86 13.35
CA LYS B 111 1.62 12.44 14.51
C LYS B 111 2.55 12.14 15.64
N LEU B 112 3.64 11.45 15.31
CA LEU B 112 4.55 10.95 16.35
C LEU B 112 5.42 12.10 16.85
N LEU B 113 5.78 13.07 16.00
CA LEU B 113 6.58 14.19 16.56
C LEU B 113 5.67 14.99 17.55
N ALA B 114 4.43 15.22 17.14
CA ALA B 114 3.53 15.88 18.01
C ALA B 114 3.36 15.20 19.35
N ALA B 115 3.07 13.89 19.36
CA ALA B 115 2.77 13.22 20.62
C ALA B 115 4.01 13.38 21.49
N LEU B 116 5.17 13.12 20.86
CA LEU B 116 6.46 13.35 21.54
C LEU B 116 6.55 14.75 22.16
N LEU B 117 6.15 15.78 21.46
CA LEU B 117 6.22 17.12 22.05
C LEU B 117 5.38 17.26 23.31
N GLU B 118 4.19 16.70 23.32
CA GLU B 118 3.31 16.95 24.44
C GLU B 118 3.76 16.12 25.62
N ASP B 119 4.23 14.92 25.31
CA ASP B 119 4.83 14.05 26.34
C ASP B 119 5.96 14.84 27.00
N GLU B 120 6.66 15.66 26.22
CA GLU B 120 7.88 16.37 26.67
C GLU B 120 7.60 17.60 27.56
N GLY B 121 6.30 17.85 27.82
CA GLY B 121 5.81 19.03 28.54
C GLY B 121 5.43 20.17 27.59
N GLY B 122 5.40 19.89 26.29
CA GLY B 122 5.16 20.94 25.33
C GLY B 122 3.84 20.87 24.60
N ASN B 123 3.65 21.80 23.67
CA ASN B 123 2.43 21.88 22.94
C ASN B 123 2.63 21.22 21.58
N GLY B 124 1.62 20.59 21.04
CA GLY B 124 1.86 19.97 19.77
C GLY B 124 0.89 20.41 18.70
N ARG B 125 -0.18 21.08 19.09
CA ARG B 125 -1.18 21.46 18.11
C ARG B 125 -0.71 22.27 16.89
N PRO B 126 0.13 23.29 17.06
CA PRO B 126 0.51 24.13 15.91
C PRO B 126 1.17 23.33 14.79
N LEU B 127 1.83 22.26 15.17
CA LEU B 127 2.44 21.38 14.23
C LEU B 127 1.41 20.51 13.50
N LEU B 128 0.47 19.93 14.24
CA LEU B 128 -0.56 19.13 13.62
C LEU B 128 -1.37 20.03 12.76
N GLN B 129 -1.49 21.30 13.11
CA GLN B 129 -2.33 22.16 12.27
C GLN B 129 -1.55 22.52 11.00
N ALA B 130 -0.22 22.62 11.11
CA ALA B 130 0.56 23.09 9.96
C ALA B 130 0.54 21.99 8.95
N ALA B 131 0.63 20.77 9.46
CA ALA B 131 0.61 19.63 8.56
C ALA B 131 -0.71 19.37 7.90
N LYS B 132 -1.81 19.77 8.54
CA LYS B 132 -3.03 19.34 7.94
C LYS B 132 -3.30 20.44 6.95
N GLY B 133 -2.68 21.58 7.22
CA GLY B 133 -2.77 22.71 6.35
C GLY B 133 -2.03 22.36 5.08
N LEU B 134 -0.93 21.61 5.17
CA LEU B 134 -0.25 21.19 3.98
C LEU B 134 -1.09 20.12 3.33
N ALA B 135 -1.74 19.25 4.06
CA ALA B 135 -2.58 18.30 3.29
C ALA B 135 -3.71 18.96 2.43
N GLY B 136 -4.36 19.96 2.99
CA GLY B 136 -5.40 20.59 2.22
C GLY B 136 -4.77 21.02 0.90
N ALA B 137 -3.74 21.85 1.02
CA ALA B 137 -3.06 22.44 -0.11
C ALA B 137 -2.72 21.40 -1.19
N VAL B 138 -2.18 20.28 -0.76
CA VAL B 138 -1.84 19.29 -1.72
C VAL B 138 -3.18 18.86 -2.31
N SER B 139 -4.16 18.67 -1.43
CA SER B 139 -5.48 18.30 -1.91
C SER B 139 -5.98 19.36 -2.88
N GLU B 140 -5.76 20.64 -2.65
CA GLU B 140 -6.20 21.53 -3.73
C GLU B 140 -5.35 21.42 -4.96
N LEU B 141 -4.08 21.05 -4.82
CA LEU B 141 -3.20 20.92 -5.98
C LEU B 141 -3.68 19.78 -6.88
N LEU B 142 -3.93 18.64 -6.22
CA LEU B 142 -4.46 17.45 -6.89
C LEU B 142 -5.73 17.79 -7.63
N ARG B 143 -6.63 18.45 -6.97
CA ARG B 143 -7.83 18.79 -7.70
C ARG B 143 -7.46 19.65 -8.94
N SER B 144 -6.62 20.66 -8.79
CA SER B 144 -6.36 21.52 -9.90
C SER B 144 -5.50 20.83 -10.90
N ALA B 145 -5.15 19.60 -10.68
CA ALA B 145 -4.30 19.03 -11.71
C ALA B 145 -4.98 18.01 -12.56
N GLN B 146 -6.25 17.76 -12.27
CA GLN B 146 -7.07 16.85 -13.04
C GLN B 146 -7.08 17.28 -14.51
N PRO B 147 -6.98 16.32 -15.42
CA PRO B 147 -7.04 16.69 -16.85
C PRO B 147 -8.48 17.04 -17.26
N ALA B 148 -8.64 17.69 -18.41
CA ALA B 148 -9.94 18.24 -18.90
C ALA B 148 -10.54 19.41 -18.08
N SER B 149 -10.64 20.58 -18.74
CA SER B 149 -11.21 21.86 -18.20
C SER B 149 -11.13 22.13 -16.69
N ALA B 150 -10.33 23.13 -16.31
CA ALA B 150 -10.11 23.55 -14.91
C ALA B 150 -10.01 25.06 -14.92
N GLU B 151 -9.74 25.58 -16.10
CA GLU B 151 -9.68 27.01 -16.31
C GLU B 151 -8.38 27.59 -15.79
N PRO B 152 -8.11 28.84 -16.15
CA PRO B 152 -6.81 29.45 -15.97
C PRO B 152 -5.74 28.51 -15.38
N ARG B 153 -4.52 28.67 -15.88
CA ARG B 153 -3.47 27.92 -15.30
C ARG B 153 -3.48 28.40 -13.83
N GLN B 154 -4.04 29.57 -13.57
CA GLN B 154 -4.01 30.14 -12.22
C GLN B 154 -4.54 29.25 -11.10
N ASN B 155 -5.61 28.51 -11.33
CA ASN B 155 -6.01 27.65 -10.23
C ASN B 155 -4.79 26.82 -9.80
N LEU B 156 -4.24 26.04 -10.68
CA LEU B 156 -3.15 25.22 -10.30
C LEU B 156 -1.89 25.99 -9.84
N LEU B 157 -1.66 27.19 -10.38
CA LEU B 157 -0.49 27.99 -9.96
C LEU B 157 -0.67 28.37 -8.50
N GLN B 158 -1.84 28.98 -8.27
CA GLN B 158 -2.30 29.42 -6.97
C GLN B 158 -2.10 28.23 -6.03
N ALA B 159 -2.66 27.07 -6.36
CA ALA B 159 -2.46 25.93 -5.50
C ALA B 159 -0.99 25.58 -5.25
N ALA B 160 -0.14 25.66 -6.29
CA ALA B 160 1.25 25.33 -6.08
C ALA B 160 1.80 26.27 -4.98
N GLY B 161 1.62 27.57 -5.12
CA GLY B 161 2.11 28.43 -4.07
C GLY B 161 1.41 28.04 -2.77
N ASN B 162 0.18 27.57 -2.80
CA ASN B 162 -0.35 27.33 -1.47
C ASN B 162 0.40 26.20 -0.80
N VAL B 163 0.97 25.32 -1.61
CA VAL B 163 1.66 24.16 -1.05
C VAL B 163 2.93 24.70 -0.39
N GLY B 164 3.67 25.59 -1.09
CA GLY B 164 4.89 26.14 -0.55
C GLY B 164 4.66 26.91 0.74
N GLN B 165 3.61 27.76 0.78
CA GLN B 165 3.31 28.48 2.01
C GLN B 165 3.07 27.45 3.09
N ALA B 166 2.25 26.46 2.77
CA ALA B 166 1.90 25.43 3.75
C ALA B 166 3.16 24.60 4.25
N SER B 167 4.01 24.18 3.32
CA SER B 167 5.23 23.54 3.75
C SER B 167 6.14 24.52 4.50
N GLY B 168 6.20 25.75 4.08
CA GLY B 168 6.99 26.68 4.81
C GLY B 168 6.52 26.73 6.27
N GLU B 169 5.21 26.94 6.47
CA GLU B 169 4.70 26.98 7.82
C GLU B 169 4.96 25.66 8.56
N LEU B 170 5.01 24.52 7.88
CA LEU B 170 5.23 23.28 8.61
C LEU B 170 6.67 23.21 9.07
N LEU B 171 7.62 23.44 8.18
CA LEU B 171 9.02 23.62 8.60
C LEU B 171 9.22 24.65 9.76
N GLN B 172 8.44 25.72 9.91
CA GLN B 172 8.67 26.57 11.09
C GLN B 172 8.32 25.72 12.33
N GLN B 173 7.79 24.54 12.02
CA GLN B 173 7.45 23.51 13.00
C GLN B 173 6.15 23.85 13.61
N THR C 8 3.28 -40.45 -4.17
CA THR C 8 2.76 -41.65 -4.87
C THR C 8 1.66 -41.21 -5.78
N SER C 9 1.00 -40.14 -5.33
CA SER C 9 -0.13 -39.46 -5.99
C SER C 9 -1.46 -40.18 -5.66
N ALA C 10 -2.42 -40.17 -6.59
CA ALA C 10 -3.70 -40.86 -6.39
C ALA C 10 -4.72 -40.59 -7.49
N GLN C 11 -4.32 -39.84 -8.51
CA GLN C 11 -5.20 -39.47 -9.62
C GLN C 11 -5.97 -38.21 -9.20
N GLN C 12 -5.19 -37.20 -8.76
CA GLN C 12 -5.74 -36.01 -8.10
C GLN C 12 -5.87 -34.70 -8.83
N ALA C 13 -7.08 -34.46 -9.28
CA ALA C 13 -7.42 -33.23 -9.93
C ALA C 13 -7.74 -32.18 -8.87
N LEU C 14 -8.15 -32.62 -7.69
CA LEU C 14 -8.57 -31.70 -6.62
C LEU C 14 -7.44 -30.82 -6.10
N THR C 15 -6.25 -31.41 -5.99
CA THR C 15 -5.09 -30.65 -5.61
C THR C 15 -5.13 -29.40 -6.45
N GLY C 16 -5.34 -29.58 -7.76
CA GLY C 16 -5.32 -28.48 -8.72
C GLY C 16 -6.41 -27.47 -8.47
N THR C 17 -7.64 -27.96 -8.46
CA THR C 17 -8.79 -27.13 -8.19
C THR C 17 -8.42 -26.37 -6.97
N ILE C 18 -7.97 -27.07 -5.95
CA ILE C 18 -7.60 -26.37 -4.74
C ILE C 18 -6.49 -25.37 -5.03
N ASN C 19 -5.48 -25.79 -5.81
CA ASN C 19 -4.35 -24.93 -6.20
C ASN C 19 -4.85 -23.69 -6.90
N SER C 20 -5.85 -23.84 -7.78
CA SER C 20 -6.31 -22.71 -8.55
C SER C 20 -7.09 -21.77 -7.57
N SER C 21 -7.90 -22.37 -6.70
CA SER C 21 -8.56 -21.61 -5.69
C SER C 21 -7.63 -20.82 -4.76
N MET C 22 -6.44 -21.36 -4.47
CA MET C 22 -5.54 -20.66 -3.54
C MET C 22 -5.12 -19.41 -4.29
N GLN C 23 -4.88 -19.55 -5.59
CA GLN C 23 -4.44 -18.40 -6.36
C GLN C 23 -5.53 -17.31 -6.31
N ALA C 24 -6.79 -17.71 -6.52
CA ALA C 24 -7.87 -16.74 -6.46
C ALA C 24 -7.98 -16.11 -5.04
N VAL C 25 -7.77 -16.89 -4.00
CA VAL C 25 -7.90 -16.21 -2.76
C VAL C 25 -6.76 -15.28 -2.58
N GLN C 26 -5.67 -15.50 -3.30
CA GLN C 26 -4.56 -14.59 -3.14
C GLN C 26 -4.88 -13.25 -3.79
N ALA C 27 -5.42 -13.31 -5.00
CA ALA C 27 -5.80 -12.11 -5.72
C ALA C 27 -6.74 -11.31 -4.83
N ALA C 28 -7.81 -11.95 -4.35
CA ALA C 28 -8.80 -11.23 -3.50
C ALA C 28 -8.03 -10.62 -2.31
N GLN C 29 -7.07 -11.38 -1.85
CA GLN C 29 -6.46 -11.02 -0.61
C GLN C 29 -5.70 -9.78 -0.92
N ALA C 30 -5.23 -9.67 -2.15
CA ALA C 30 -4.34 -8.58 -2.58
C ALA C 30 -5.02 -7.26 -2.98
N THR C 31 -6.32 -7.18 -2.88
CA THR C 31 -6.97 -5.93 -3.23
C THR C 31 -7.58 -5.38 -2.01
N LEU C 32 -7.40 -6.07 -0.91
CA LEU C 32 -8.11 -5.59 0.27
C LEU C 32 -7.28 -4.59 1.02
N ASP C 33 -6.18 -4.21 0.46
CA ASP C 33 -5.39 -3.26 1.19
C ASP C 33 -5.90 -1.88 0.92
N ASP C 34 -6.48 -1.67 -0.28
CA ASP C 34 -7.12 -0.38 -0.56
C ASP C 34 -8.61 -0.30 -0.81
N PHE C 35 -9.15 0.89 -0.61
CA PHE C 35 -10.58 1.16 -0.87
C PHE C 35 -10.95 1.35 -2.36
N GLU C 36 -12.12 0.94 -2.79
CA GLU C 36 -12.51 1.27 -4.15
C GLU C 36 -12.52 2.80 -4.31
N THR C 37 -12.31 3.25 -5.52
CA THR C 37 -12.34 4.67 -5.80
C THR C 37 -13.86 4.91 -6.00
N LEU C 38 -14.41 5.87 -5.28
CA LEU C 38 -15.85 6.22 -5.38
C LEU C 38 -16.10 7.10 -6.60
N PRO C 39 -17.29 7.26 -7.10
CA PRO C 39 -17.48 8.28 -8.15
C PRO C 39 -17.50 9.68 -7.46
N PRO C 40 -17.38 10.71 -8.23
CA PRO C 40 -17.36 12.03 -7.64
C PRO C 40 -18.75 12.39 -7.15
N LEU C 41 -19.02 12.61 -5.88
CA LEU C 41 -20.33 12.93 -5.39
C LEU C 41 -20.30 14.19 -4.53
N GLY C 42 -21.47 14.60 -3.99
CA GLY C 42 -21.44 15.58 -2.93
C GLY C 42 -22.68 16.22 -2.34
N GLN C 43 -22.93 16.00 -1.06
CA GLN C 43 -24.00 16.76 -0.45
C GLN C 43 -25.34 16.72 -1.17
N ASP C 44 -25.28 16.86 -2.46
CA ASP C 44 -26.41 16.72 -3.39
C ASP C 44 -27.69 16.13 -2.83
N ALA C 45 -27.80 14.83 -2.68
CA ALA C 45 -29.08 14.26 -2.27
C ALA C 45 -29.14 12.96 -3.06
N ALA C 46 -28.93 13.12 -4.36
CA ALA C 46 -28.73 12.04 -5.25
C ALA C 46 -27.45 11.36 -4.75
N SER C 47 -26.43 12.16 -4.39
CA SER C 47 -25.12 11.66 -3.97
C SER C 47 -25.29 11.05 -2.65
N LYS C 48 -26.16 11.63 -1.83
CA LYS C 48 -26.27 11.10 -0.50
C LYS C 48 -27.02 9.86 -0.67
N ALA C 49 -27.88 9.82 -1.66
CA ALA C 49 -28.69 8.68 -1.70
C ALA C 49 -27.90 7.50 -2.31
N TRP C 50 -27.02 7.82 -3.22
CA TRP C 50 -26.28 6.76 -3.81
C TRP C 50 -25.40 6.16 -2.74
N ARG C 51 -24.95 6.95 -1.80
CA ARG C 51 -24.16 6.30 -0.77
C ARG C 51 -24.97 5.35 0.14
N LYS C 52 -26.20 5.73 0.49
CA LYS C 52 -26.91 4.88 1.41
C LYS C 52 -27.32 3.65 0.62
N ASN C 53 -27.73 3.81 -0.63
CA ASN C 53 -28.07 2.60 -1.34
C ASN C 53 -26.91 1.59 -1.37
N LYS C 54 -25.72 2.05 -1.75
CA LYS C 54 -24.54 1.14 -1.84
C LYS C 54 -24.17 0.62 -0.54
N MET C 55 -24.22 1.43 0.51
CA MET C 55 -23.93 0.85 1.80
C MET C 55 -24.94 -0.28 2.04
N ASP C 56 -26.19 -0.15 1.61
CA ASP C 56 -27.10 -1.24 1.86
C ASP C 56 -26.78 -2.45 1.00
N GLU C 57 -26.64 -2.26 -0.30
CA GLU C 57 -26.37 -3.41 -1.12
C GLU C 57 -25.11 -4.08 -0.69
N SER C 58 -24.07 -3.35 -0.34
CA SER C 58 -22.86 -4.04 0.11
C SER C 58 -23.03 -4.84 1.35
N LYS C 59 -23.73 -4.30 2.34
CA LYS C 59 -23.93 -5.08 3.57
C LYS C 59 -24.56 -6.46 3.19
N HIS C 60 -25.60 -6.36 2.38
CA HIS C 60 -26.35 -7.52 1.95
C HIS C 60 -25.45 -8.49 1.18
N GLU C 61 -24.77 -8.03 0.13
CA GLU C 61 -23.97 -8.97 -0.60
C GLU C 61 -22.90 -9.53 0.28
N ILE C 62 -22.26 -8.72 1.09
CA ILE C 62 -21.24 -9.33 1.92
C ILE C 62 -21.85 -10.41 2.89
N HIS C 63 -22.99 -10.16 3.51
CA HIS C 63 -23.62 -11.17 4.35
C HIS C 63 -23.88 -12.53 3.59
N SER C 64 -24.46 -12.52 2.39
CA SER C 64 -24.67 -13.81 1.77
C SER C 64 -23.40 -14.54 1.26
N GLN C 65 -22.24 -13.87 1.20
CA GLN C 65 -21.07 -14.52 0.68
C GLN C 65 -20.40 -15.10 1.90
N VAL C 66 -20.55 -14.40 3.03
CA VAL C 66 -19.97 -14.97 4.25
C VAL C 66 -20.81 -16.24 4.60
N ASP C 67 -22.14 -16.14 4.54
CA ASP C 67 -22.94 -17.34 4.77
C ASP C 67 -22.57 -18.47 3.82
N ALA C 68 -22.50 -18.17 2.54
CA ALA C 68 -22.08 -19.22 1.63
C ALA C 68 -20.68 -19.68 1.96
N ILE C 69 -19.88 -18.92 2.66
CA ILE C 69 -18.59 -19.42 2.85
C ILE C 69 -18.70 -20.26 4.09
N THR C 70 -19.48 -19.88 5.06
CA THR C 70 -19.41 -20.75 6.20
C THR C 70 -20.16 -22.08 5.93
N ALA C 71 -21.07 -22.07 4.96
CA ALA C 71 -21.74 -23.30 4.54
C ALA C 71 -20.83 -24.24 3.81
N GLY C 72 -19.95 -23.73 2.97
CA GLY C 72 -19.08 -24.59 2.20
C GLY C 72 -18.09 -25.19 3.15
N THR C 73 -17.73 -24.40 4.15
CA THR C 73 -16.72 -24.80 5.06
C THR C 73 -17.26 -26.09 5.73
N ALA C 74 -18.42 -25.99 6.33
CA ALA C 74 -18.99 -27.10 7.03
C ALA C 74 -19.01 -28.28 6.10
N SER C 75 -19.24 -27.94 4.84
CA SER C 75 -19.32 -28.98 3.86
C SER C 75 -17.98 -29.68 3.58
N VAL C 76 -16.93 -28.88 3.50
CA VAL C 76 -15.61 -29.43 3.34
C VAL C 76 -15.28 -30.31 4.57
N VAL C 77 -15.58 -29.83 5.78
CA VAL C 77 -15.29 -30.70 6.89
C VAL C 77 -16.05 -32.01 6.84
N ASN C 78 -17.31 -32.03 6.45
CA ASN C 78 -18.05 -33.25 6.47
C ASN C 78 -17.53 -34.16 5.37
N LEU C 79 -17.55 -33.68 4.13
CA LEU C 79 -17.02 -34.47 3.04
C LEU C 79 -15.69 -35.02 3.41
N THR C 80 -14.85 -34.29 4.10
CA THR C 80 -13.52 -34.83 4.34
C THR C 80 -13.50 -35.63 5.62
N ALA C 81 -14.69 -35.98 6.11
CA ALA C 81 -14.90 -36.63 7.42
C ALA C 81 -14.26 -37.96 7.62
N GLY C 82 -13.58 -38.03 8.76
CA GLY C 82 -12.93 -39.23 9.24
C GLY C 82 -12.42 -40.12 8.13
N ASP C 83 -13.30 -40.96 7.63
CA ASP C 83 -12.99 -41.90 6.55
C ASP C 83 -12.21 -41.26 5.37
N PRO C 84 -10.90 -41.51 5.28
CA PRO C 84 -10.03 -40.87 4.28
C PRO C 84 -9.81 -41.64 2.98
N ALA C 85 -9.23 -40.93 2.00
CA ALA C 85 -8.96 -41.51 0.69
C ALA C 85 -10.20 -42.21 0.12
N GLU C 86 -11.18 -42.49 0.98
CA GLU C 86 -12.47 -43.00 0.51
C GLU C 86 -13.42 -41.81 0.63
N THR C 87 -12.81 -40.66 0.49
CA THR C 87 -13.45 -39.39 0.47
C THR C 87 -14.03 -39.15 -0.92
N ASP C 88 -15.13 -38.43 -0.99
CA ASP C 88 -15.73 -38.08 -2.28
C ASP C 88 -15.08 -36.76 -2.79
N TYR C 89 -13.93 -36.89 -3.48
CA TYR C 89 -13.08 -35.76 -3.89
C TYR C 89 -13.70 -34.78 -4.87
N THR C 90 -14.70 -35.26 -5.61
CA THR C 90 -15.34 -34.41 -6.60
C THR C 90 -16.23 -33.36 -5.94
N ALA C 91 -16.76 -33.66 -4.76
CA ALA C 91 -17.62 -32.70 -4.12
C ALA C 91 -16.83 -31.81 -3.22
N VAL C 92 -15.65 -32.25 -2.85
CA VAL C 92 -14.85 -31.40 -2.01
C VAL C 92 -14.42 -30.29 -2.86
N GLY C 93 -13.94 -30.62 -4.03
CA GLY C 93 -13.45 -29.62 -4.93
C GLY C 93 -14.48 -28.57 -5.25
N CYS C 94 -15.72 -29.01 -5.52
CA CYS C 94 -16.74 -28.08 -5.91
C CYS C 94 -17.06 -27.21 -4.75
N ALA C 95 -16.60 -27.64 -3.58
CA ALA C 95 -16.91 -26.95 -2.38
C ALA C 95 -15.88 -25.95 -2.16
N VAL C 96 -14.63 -26.33 -2.36
CA VAL C 96 -13.61 -25.34 -2.15
C VAL C 96 -13.88 -24.32 -3.23
N THR C 97 -14.30 -24.77 -4.42
CA THR C 97 -14.50 -23.76 -5.47
C THR C 97 -15.49 -22.70 -5.06
N THR C 98 -16.54 -23.09 -4.31
CA THR C 98 -17.57 -22.15 -3.83
C THR C 98 -16.98 -21.23 -2.82
N ILE C 99 -16.08 -21.75 -1.99
CA ILE C 99 -15.46 -20.94 -0.97
C ILE C 99 -14.66 -19.84 -1.67
N SER C 100 -13.84 -20.18 -2.67
CA SER C 100 -12.98 -19.19 -3.26
C SER C 100 -13.82 -18.23 -4.08
N SER C 101 -14.75 -18.75 -4.85
CA SER C 101 -15.45 -17.81 -5.68
C SER C 101 -16.21 -16.80 -4.83
N ASN C 102 -16.77 -17.24 -3.67
CA ASN C 102 -17.59 -16.29 -2.89
C ASN C 102 -16.78 -15.24 -2.27
N LEU C 103 -15.55 -15.61 -1.92
CA LEU C 103 -14.60 -14.71 -1.28
C LEU C 103 -14.10 -13.64 -2.20
N THR C 104 -13.96 -13.96 -3.48
CA THR C 104 -13.56 -12.98 -4.47
C THR C 104 -14.66 -11.95 -4.52
N GLU C 105 -15.92 -12.40 -4.54
CA GLU C 105 -17.11 -11.54 -4.66
C GLU C 105 -17.34 -10.68 -3.41
N MET C 106 -17.15 -11.29 -2.26
CA MET C 106 -17.17 -10.54 -1.02
C MET C 106 -16.16 -9.43 -1.02
N SER C 107 -15.04 -9.73 -1.67
CA SER C 107 -13.94 -8.79 -1.67
C SER C 107 -14.32 -7.52 -2.26
N ARG C 108 -14.96 -7.59 -3.43
CA ARG C 108 -15.33 -6.31 -4.03
C ARG C 108 -16.35 -5.66 -3.13
N GLY C 109 -17.24 -6.44 -2.58
CA GLY C 109 -18.14 -5.84 -1.64
C GLY C 109 -17.48 -5.05 -0.55
N VAL C 110 -16.40 -5.55 0.01
CA VAL C 110 -15.73 -4.90 1.13
C VAL C 110 -14.97 -3.66 0.76
N LYS C 111 -14.23 -3.68 -0.35
CA LYS C 111 -13.46 -2.50 -0.74
C LYS C 111 -14.38 -1.38 -0.90
N LEU C 112 -15.53 -1.64 -1.53
CA LEU C 112 -16.56 -0.63 -1.71
C LEU C 112 -17.22 -0.13 -0.42
N LEU C 113 -17.73 -1.07 0.36
CA LEU C 113 -18.24 -0.68 1.66
C LEU C 113 -17.11 0.01 2.45
N ALA C 114 -15.86 -0.39 2.31
CA ALA C 114 -14.85 0.39 3.09
C ALA C 114 -14.75 1.82 2.63
N ALA C 115 -14.64 2.02 1.34
CA ALA C 115 -14.62 3.39 0.85
C ALA C 115 -15.84 4.17 1.37
N LEU C 116 -17.06 3.62 1.30
CA LEU C 116 -18.14 4.47 1.78
C LEU C 116 -17.94 4.93 3.24
N LEU C 117 -17.50 4.05 4.13
CA LEU C 117 -17.28 4.46 5.51
C LEU C 117 -16.28 5.61 5.66
N GLU C 118 -15.13 5.49 5.04
CA GLU C 118 -14.18 6.61 5.03
C GLU C 118 -14.93 7.83 4.64
N ASP C 119 -15.56 7.80 3.48
CA ASP C 119 -16.33 9.00 3.07
C ASP C 119 -17.21 9.49 4.23
N GLU C 120 -17.79 8.58 4.97
CA GLU C 120 -18.76 8.93 5.99
C GLU C 120 -18.10 9.74 7.14
N GLY C 121 -16.79 9.82 7.18
CA GLY C 121 -16.16 10.36 8.38
C GLY C 121 -15.75 9.19 9.34
N GLY C 122 -16.13 7.96 9.00
CA GLY C 122 -15.73 6.78 9.77
C GLY C 122 -14.29 6.37 9.47
N ASN C 123 -13.99 5.16 9.92
CA ASN C 123 -12.75 4.46 9.70
C ASN C 123 -12.87 3.65 8.39
N GLY C 124 -13.02 2.37 8.35
CA GLY C 124 -12.79 1.91 7.01
C GLY C 124 -11.68 0.86 6.93
N ARG C 125 -10.54 1.09 7.54
CA ARG C 125 -9.43 0.14 7.40
C ARG C 125 -9.74 -1.21 8.13
N PRO C 126 -10.30 -1.10 9.34
CA PRO C 126 -10.68 -2.29 10.11
C PRO C 126 -11.56 -3.30 9.36
N LEU C 127 -12.44 -2.82 8.51
CA LEU C 127 -13.25 -3.69 7.75
C LEU C 127 -12.33 -4.42 6.77
N LEU C 128 -11.47 -3.68 6.10
CA LEU C 128 -10.50 -4.28 5.21
C LEU C 128 -9.62 -5.32 5.94
N GLN C 129 -9.20 -4.96 7.12
CA GLN C 129 -8.35 -5.87 7.80
C GLN C 129 -9.13 -7.07 8.04
N ALA C 130 -10.30 -6.93 8.67
CA ALA C 130 -11.12 -8.09 8.92
C ALA C 130 -11.32 -8.97 7.69
N ALA C 131 -11.47 -8.39 6.50
CA ALA C 131 -11.65 -9.19 5.30
C ALA C 131 -10.39 -9.93 4.92
N LYS C 132 -9.27 -9.24 4.91
CA LYS C 132 -8.05 -10.00 4.75
C LYS C 132 -7.99 -11.15 5.75
N GLY C 133 -8.17 -10.88 7.03
CA GLY C 133 -8.21 -11.99 7.99
C GLY C 133 -9.02 -13.20 7.54
N LEU C 134 -10.20 -12.96 6.99
CA LEU C 134 -10.96 -14.09 6.51
C LEU C 134 -10.26 -14.75 5.40
N ALA C 135 -9.82 -14.02 4.40
CA ALA C 135 -9.11 -14.65 3.28
C ALA C 135 -8.00 -15.57 3.76
N GLY C 136 -7.13 -15.00 4.55
CA GLY C 136 -6.03 -15.75 5.11
C GLY C 136 -6.54 -17.02 5.73
N ALA C 137 -7.57 -16.92 6.54
CA ALA C 137 -8.09 -18.14 7.11
C ALA C 137 -8.68 -19.02 6.03
N VAL C 138 -9.41 -18.46 5.10
CA VAL C 138 -9.83 -19.35 4.05
C VAL C 138 -8.64 -20.06 3.45
N SER C 139 -7.52 -19.37 3.45
CA SER C 139 -6.27 -19.90 2.85
C SER C 139 -5.83 -21.16 3.51
N GLU C 140 -5.75 -21.10 4.85
CA GLU C 140 -5.30 -22.21 5.71
C GLU C 140 -6.26 -23.37 5.57
N LEU C 141 -7.52 -23.06 5.36
CA LEU C 141 -8.42 -24.14 5.20
C LEU C 141 -8.21 -24.88 3.92
N LEU C 142 -7.84 -24.20 2.85
CA LEU C 142 -7.64 -24.90 1.57
C LEU C 142 -6.44 -25.81 1.75
N ARG C 143 -5.37 -25.20 2.27
CA ARG C 143 -4.17 -25.96 2.64
C ARG C 143 -4.48 -27.35 3.31
N SER C 144 -5.22 -27.25 4.41
CA SER C 144 -5.46 -28.37 5.28
C SER C 144 -6.26 -29.34 4.53
N ALA C 145 -6.77 -28.95 3.37
CA ALA C 145 -7.56 -29.93 2.63
C ALA C 145 -6.75 -30.60 1.45
N GLN C 146 -5.56 -30.08 1.10
CA GLN C 146 -4.82 -30.72 -0.02
C GLN C 146 -4.67 -32.21 0.33
N PRO C 147 -5.19 -33.20 -0.39
CA PRO C 147 -4.97 -34.57 0.06
C PRO C 147 -3.44 -34.86 0.30
N ALA C 148 -2.54 -34.12 -0.36
CA ALA C 148 -1.09 -34.28 -0.18
C ALA C 148 -0.82 -34.56 1.28
N SER C 149 -1.63 -33.94 2.14
CA SER C 149 -1.70 -34.27 3.56
C SER C 149 -0.49 -34.15 4.46
N ALA C 150 -0.62 -34.78 5.63
CA ALA C 150 0.45 -34.87 6.61
C ALA C 150 -0.05 -34.61 8.01
N GLU C 151 -0.74 -33.50 8.22
CA GLU C 151 -1.25 -33.16 9.54
C GLU C 151 -2.51 -34.02 9.78
N PRO C 152 -2.77 -34.41 11.03
CA PRO C 152 -3.95 -35.22 11.42
C PRO C 152 -5.26 -34.40 11.58
N ARG C 153 -6.36 -34.92 11.10
CA ARG C 153 -7.62 -34.18 11.18
C ARG C 153 -7.54 -32.82 11.87
N GLN C 154 -7.32 -32.80 13.17
CA GLN C 154 -7.39 -31.53 13.90
C GLN C 154 -6.75 -30.35 13.17
N ASN C 155 -5.84 -30.61 12.24
CA ASN C 155 -5.25 -29.52 11.49
C ASN C 155 -6.32 -28.83 10.66
N LEU C 156 -6.97 -29.63 9.86
CA LEU C 156 -8.10 -29.15 9.05
C LEU C 156 -9.31 -28.67 9.91
N LEU C 157 -9.71 -29.44 10.94
CA LEU C 157 -10.79 -28.99 11.85
C LEU C 157 -10.49 -27.61 12.43
N GLN C 158 -9.27 -27.45 12.94
CA GLN C 158 -8.80 -26.14 13.42
C GLN C 158 -8.85 -25.12 12.30
N ALA C 159 -8.53 -25.52 11.08
CA ALA C 159 -8.60 -24.56 10.02
C ALA C 159 -10.06 -24.12 9.82
N ALA C 160 -11.00 -25.02 9.77
CA ALA C 160 -12.37 -24.62 9.68
C ALA C 160 -12.66 -23.73 10.85
N GLY C 161 -12.09 -24.11 11.97
CA GLY C 161 -12.23 -23.31 13.17
C GLY C 161 -11.93 -21.85 12.86
N ASN C 162 -10.72 -21.55 12.43
CA ASN C 162 -10.41 -20.17 12.23
C ASN C 162 -11.31 -19.52 11.13
N VAL C 163 -11.75 -20.29 10.16
CA VAL C 163 -12.62 -19.66 9.21
C VAL C 163 -13.87 -19.10 9.91
N GLY C 164 -14.41 -19.79 10.86
CA GLY C 164 -15.59 -19.28 11.53
C GLY C 164 -15.25 -18.15 12.46
N GLN C 165 -13.96 -18.02 12.83
CA GLN C 165 -13.47 -16.88 13.65
C GLN C 165 -13.39 -15.61 12.82
N ALA C 166 -12.72 -15.72 11.67
CA ALA C 166 -12.50 -14.57 10.81
C ALA C 166 -13.85 -14.04 10.45
N SER C 167 -14.72 -14.96 10.11
CA SER C 167 -16.04 -14.58 9.69
C SER C 167 -16.74 -13.76 10.75
N GLY C 168 -16.69 -14.19 11.99
CA GLY C 168 -17.53 -13.58 13.00
C GLY C 168 -16.98 -12.22 13.19
N GLU C 169 -15.69 -12.14 12.90
CA GLU C 169 -14.94 -10.93 13.10
C GLU C 169 -15.24 -9.93 11.95
N LEU C 170 -15.35 -10.46 10.73
CA LEU C 170 -15.80 -9.64 9.63
C LEU C 170 -17.20 -9.20 9.87
N LEU C 171 -18.08 -10.04 10.43
CA LEU C 171 -19.44 -9.60 10.65
C LEU C 171 -19.57 -8.47 11.72
N GLN C 172 -18.70 -8.51 12.72
CA GLN C 172 -18.74 -7.43 13.69
C GLN C 172 -18.48 -6.14 12.94
N GLN C 173 -17.87 -6.32 11.76
CA GLN C 173 -17.92 -5.44 10.61
C GLN C 173 -17.04 -4.37 10.74
#